data_6LIY
#
_entry.id   6LIY
#
_cell.length_a   38.289
_cell.length_b   73.540
_cell.length_c   67.147
_cell.angle_alpha   90.000
_cell.angle_beta   97.160
_cell.angle_gamma   90.000
#
_symmetry.space_group_name_H-M   'P 1 21 1'
#
loop_
_entity.id
_entity.type
_entity.pdbx_description
1 polymer 'Chromophore lyase CRL, chloroplastic'
2 non-polymer '2-(N-MORPHOLINO)-ETHANESULFONIC ACID'
3 water water
#
_entity_poly.entity_id   1
_entity_poly.type   'polypeptide(L)'
_entity_poly.pdbx_seq_one_letter_code
;(MSE)GTESGSDPESSSNGWSRARGLVVKTLVLIGGALLIKRLTKSTTRRDHARVVSRSLTGEKFTREQASRDPDNYFNI
R(MSE)LSCPAAE(MSE)VDGSEVLYLEQAFWRTPQKPFRQRLY(MSE)VKPCPKELKCDVEVSSYAIRDAEEYKNFCDR
PKDQRPLPEEVIGDIGEHLTTIHLNCCDRGKRCLYEGSTSPGGFPNSWNGASYCTSDLAVLKNNEIHLWDRGFDENRNQV
WGPKEGPYEFKPATSSSINENLSALNILYQSSIDKPIQGSLILQD
;
_entity_poly.pdbx_strand_id   A,B
#
loop_
_chem_comp.id
_chem_comp.type
_chem_comp.name
_chem_comp.formula
MES non-polymer '2-(N-MORPHOLINO)-ETHANESULFONIC ACID' 'C6 H13 N O4 S'
#
# COMPACT_ATOMS: atom_id res chain seq x y z
N THR A 43 -33.16 -19.32 10.83
CA THR A 43 -32.35 -19.13 9.62
C THR A 43 -31.08 -19.98 9.69
N THR A 44 -30.70 -20.54 8.55
CA THR A 44 -29.60 -21.49 8.51
C THR A 44 -28.30 -20.78 8.17
N ARG A 45 -27.19 -21.51 8.24
CA ARG A 45 -25.92 -20.94 7.81
C ARG A 45 -25.91 -20.66 6.31
N ARG A 46 -26.62 -21.44 5.51
CA ARG A 46 -26.72 -21.11 4.09
C ARG A 46 -27.47 -19.79 3.91
N ASP A 47 -28.55 -19.59 4.66
CA ASP A 47 -29.25 -18.32 4.61
C ASP A 47 -28.34 -17.16 5.01
N HIS A 48 -27.59 -17.34 6.09
CA HIS A 48 -26.66 -16.31 6.55
C HIS A 48 -25.63 -15.96 5.49
N ALA A 49 -25.07 -16.97 4.84
CA ALA A 49 -24.08 -16.71 3.80
C ALA A 49 -24.68 -15.94 2.64
N ARG A 50 -25.94 -16.23 2.30
CA ARG A 50 -26.58 -15.49 1.22
C ARG A 50 -26.78 -14.02 1.59
N VAL A 51 -27.09 -13.74 2.85
CA VAL A 51 -27.22 -12.34 3.28
C VAL A 51 -25.88 -11.63 3.18
N VAL A 52 -24.81 -12.31 3.61
CA VAL A 52 -23.48 -11.71 3.56
C VAL A 52 -23.08 -11.42 2.11
N SER A 53 -23.25 -12.42 1.23
CA SER A 53 -22.86 -12.22 -0.16
C SER A 53 -23.67 -11.10 -0.81
N ARG A 54 -24.97 -11.05 -0.50
CA ARG A 54 -25.79 -9.96 -1.01
C ARG A 54 -25.31 -8.60 -0.51
N SER A 55 -24.95 -8.53 0.78
CA SER A 55 -24.55 -7.27 1.37
C SER A 55 -23.25 -6.77 0.77
N LEU A 56 -22.40 -7.69 0.29
CA LEU A 56 -21.13 -7.30 -0.32
C LEU A 56 -21.28 -6.82 -1.76
N THR A 57 -22.39 -7.14 -2.42
CA THR A 57 -22.57 -6.81 -3.82
C THR A 57 -23.11 -5.39 -3.96
N GLY A 58 -22.86 -4.79 -5.11
CA GLY A 58 -23.43 -3.50 -5.45
C GLY A 58 -22.36 -2.42 -5.47
N GLU A 59 -22.83 -1.18 -5.57
CA GLU A 59 -21.95 -0.01 -5.55
C GLU A 59 -22.07 0.70 -4.21
N LYS A 60 -20.94 1.04 -3.62
CA LYS A 60 -20.90 1.62 -2.28
C LYS A 60 -19.83 2.70 -2.23
N PHE A 61 -20.01 3.67 -1.33
CA PHE A 61 -19.04 4.73 -1.11
C PHE A 61 -18.79 4.90 0.38
N THR A 62 -17.61 5.44 0.72
CA THR A 62 -17.31 5.81 2.09
C THR A 62 -17.51 7.31 2.32
N ARG A 63 -18.25 7.95 1.43
CA ARG A 63 -18.40 9.41 1.45
C ARG A 63 -18.83 9.95 2.82
N GLU A 64 -19.81 9.31 3.46
CA GLU A 64 -20.27 9.79 4.76
C GLU A 64 -19.14 9.79 5.77
N GLN A 65 -18.34 8.71 5.79
CA GLN A 65 -17.24 8.63 6.72
C GLN A 65 -16.14 9.64 6.39
N ALA A 66 -15.91 9.89 5.10
CA ALA A 66 -14.88 10.83 4.68
C ALA A 66 -15.26 12.26 5.06
N SER A 67 -16.55 12.57 5.06
CA SER A 67 -16.97 13.90 5.48
C SER A 67 -16.91 14.05 6.99
N ARG A 68 -17.10 12.96 7.72
CA ARG A 68 -17.05 12.99 9.17
C ARG A 68 -15.63 13.08 9.70
N ASP A 69 -14.67 12.41 9.04
CA ASP A 69 -13.30 12.30 9.54
C ASP A 69 -12.33 12.38 8.38
N PRO A 70 -12.26 13.54 7.72
CA PRO A 70 -11.40 13.66 6.53
C PRO A 70 -9.92 13.50 6.82
N ASP A 71 -9.50 13.69 8.07
CA ASP A 71 -8.10 13.48 8.43
C ASP A 71 -7.68 12.04 8.17
N ASN A 72 -8.58 11.09 8.36
CA ASN A 72 -8.21 9.69 8.42
C ASN A 72 -8.84 8.81 7.36
N TYR A 73 -9.83 9.29 6.62
CA TYR A 73 -10.51 8.45 5.64
C TYR A 73 -10.83 9.23 4.39
N PHE A 74 -10.64 8.58 3.25
CA PHE A 74 -10.97 9.13 1.95
C PHE A 74 -12.33 8.61 1.49
N ASN A 75 -12.86 9.24 0.45
CA ASN A 75 -14.08 8.76 -0.19
C ASN A 75 -13.68 7.73 -1.23
N ILE A 76 -13.97 6.47 -0.94
CA ILE A 76 -13.59 5.34 -1.82
C ILE A 76 -14.86 4.72 -2.39
N ARG A 77 -14.83 4.32 -3.64
CA ARG A 77 -15.97 3.61 -4.26
C ARG A 77 -15.66 2.11 -4.33
N MSE A 78 -16.59 1.29 -3.87
CA MSE A 78 -16.48 -0.17 -3.95
C MSE A 78 -17.53 -0.62 -4.97
O MSE A 78 -18.60 -0.09 -4.94
CB MSE A 78 -16.78 -0.81 -2.60
CG MSE A 78 -17.00 -2.29 -2.67
SE MSE A 78 -17.39 -2.97 -0.89
CE MSE A 78 -15.66 -2.96 -0.05
N LEU A 79 -17.14 -1.48 -5.89
CA LEU A 79 -18.10 -2.02 -6.87
C LEU A 79 -17.90 -3.53 -6.91
N SER A 80 -18.96 -4.30 -6.72
CA SER A 80 -18.83 -5.77 -6.71
C SER A 80 -20.06 -6.47 -7.28
N CYS A 81 -19.81 -7.64 -7.83
CA CYS A 81 -20.89 -8.44 -8.41
C CYS A 81 -20.43 -9.89 -8.48
N PRO A 82 -21.35 -10.84 -8.58
CA PRO A 82 -20.95 -12.25 -8.64
C PRO A 82 -20.22 -12.54 -9.93
N ALA A 83 -19.19 -13.39 -9.82
CA ALA A 83 -18.39 -13.78 -10.97
C ALA A 83 -18.39 -15.27 -11.26
N ALA A 84 -18.65 -16.09 -10.25
CA ALA A 84 -18.69 -17.55 -10.46
C ALA A 84 -19.30 -18.25 -9.24
N GLU A 85 -19.57 -19.54 -9.37
CA GLU A 85 -20.04 -20.35 -8.24
C GLU A 85 -19.21 -21.63 -8.23
N MSE A 86 -18.63 -21.98 -7.10
CA MSE A 86 -17.76 -23.18 -6.99
C MSE A 86 -18.60 -24.43 -6.83
O MSE A 86 -19.78 -24.34 -6.47
CB MSE A 86 -16.85 -23.03 -5.78
CG MSE A 86 -16.07 -21.77 -5.75
SE MSE A 86 -14.67 -22.00 -7.03
CE MSE A 86 -13.95 -23.76 -6.61
N VAL A 87 -17.95 -25.59 -7.00
CA VAL A 87 -18.60 -26.93 -6.91
C VAL A 87 -19.19 -27.13 -5.52
N ASP A 88 -18.49 -26.67 -4.48
CA ASP A 88 -18.88 -26.82 -3.05
C ASP A 88 -19.99 -25.85 -2.61
N GLY A 89 -20.51 -25.01 -3.51
CA GLY A 89 -21.62 -24.08 -3.28
C GLY A 89 -21.11 -22.69 -3.00
N SER A 90 -19.82 -22.59 -2.86
CA SER A 90 -19.16 -21.30 -2.63
C SER A 90 -19.55 -20.31 -3.73
N GLU A 91 -19.92 -19.12 -3.31
CA GLU A 91 -20.18 -18.00 -4.19
C GLU A 91 -18.91 -17.18 -4.34
N VAL A 92 -18.55 -16.85 -5.59
CA VAL A 92 -17.33 -16.08 -5.88
C VAL A 92 -17.75 -14.69 -6.36
N LEU A 93 -17.37 -13.67 -5.61
CA LEU A 93 -17.64 -12.29 -5.97
C LEU A 93 -16.37 -11.59 -6.44
N TYR A 94 -16.51 -10.80 -7.50
CA TYR A 94 -15.48 -9.84 -7.86
C TYR A 94 -15.74 -8.54 -7.11
N LEU A 95 -14.69 -7.94 -6.55
CA LEU A 95 -14.82 -6.68 -5.84
C LEU A 95 -13.64 -5.78 -6.17
N GLU A 96 -13.91 -4.51 -6.47
CA GLU A 96 -12.84 -3.56 -6.69
C GLU A 96 -13.12 -2.29 -5.91
N GLN A 97 -12.04 -1.58 -5.58
CA GLN A 97 -12.11 -0.33 -4.85
C GLN A 97 -11.37 0.72 -5.66
N ALA A 98 -11.90 1.93 -5.68
CA ALA A 98 -11.26 3.01 -6.41
C ALA A 98 -11.48 4.32 -5.66
N PHE A 99 -10.51 5.22 -5.76
CA PHE A 99 -10.73 6.58 -5.31
C PHE A 99 -11.90 7.19 -6.08
N TRP A 100 -12.74 7.96 -5.38
CA TRP A 100 -14.03 8.35 -5.98
C TRP A 100 -13.85 9.16 -7.26
N ARG A 101 -12.76 9.93 -7.37
CA ARG A 101 -12.47 10.77 -8.53
C ARG A 101 -11.93 9.99 -9.72
N THR A 102 -11.53 8.74 -9.55
CA THR A 102 -11.06 7.90 -10.66
C THR A 102 -11.71 6.52 -10.58
N PRO A 103 -13.04 6.45 -10.75
CA PRO A 103 -13.73 5.17 -10.52
C PRO A 103 -13.40 4.09 -11.53
N GLN A 104 -12.84 4.42 -12.69
CA GLN A 104 -12.43 3.41 -13.66
C GLN A 104 -10.97 3.00 -13.50
N LYS A 105 -10.27 3.54 -12.51
CA LYS A 105 -8.89 3.15 -12.20
C LYS A 105 -8.83 2.58 -10.78
N PRO A 106 -9.36 1.37 -10.58
CA PRO A 106 -9.34 0.78 -9.24
C PRO A 106 -7.90 0.61 -8.75
N PHE A 107 -7.70 0.86 -7.45
CA PHE A 107 -6.41 0.58 -6.83
C PHE A 107 -6.37 -0.79 -6.19
N ARG A 108 -7.50 -1.47 -6.02
CA ARG A 108 -7.53 -2.81 -5.46
C ARG A 108 -8.57 -3.66 -6.19
N GLN A 109 -8.18 -4.90 -6.52
CA GLN A 109 -9.09 -5.82 -7.20
C GLN A 109 -8.97 -7.17 -6.55
N ARG A 110 -10.10 -7.74 -6.12
CA ARG A 110 -10.10 -9.00 -5.39
C ARG A 110 -11.19 -9.92 -5.92
N LEU A 111 -11.04 -11.19 -5.60
CA LEU A 111 -12.11 -12.19 -5.76
C LEU A 111 -12.41 -12.66 -4.35
N TYR A 112 -13.66 -12.65 -3.93
CA TYR A 112 -14.03 -13.08 -2.57
C TYR A 112 -14.88 -14.34 -2.67
N MSE A 113 -14.65 -15.26 -1.77
CA MSE A 113 -15.49 -16.48 -1.73
C MSE A 113 -16.31 -16.43 -0.46
O MSE A 113 -15.75 -16.20 0.59
CB MSE A 113 -14.63 -17.74 -1.83
CG MSE A 113 -14.06 -17.97 -3.17
SE MSE A 113 -13.21 -19.73 -3.18
CE MSE A 113 -14.06 -20.73 -1.76
N VAL A 114 -17.61 -16.62 -0.58
CA VAL A 114 -18.50 -16.58 0.60
C VAL A 114 -19.16 -17.96 0.72
N LYS A 115 -19.06 -18.59 1.86
CA LYS A 115 -19.75 -19.90 1.96
C LYS A 115 -20.16 -20.16 3.40
N PRO A 116 -21.18 -20.97 3.68
CA PRO A 116 -21.51 -21.28 5.08
C PRO A 116 -20.37 -22.05 5.73
N CYS A 117 -20.15 -21.79 7.01
CA CYS A 117 -19.17 -22.55 7.75
C CYS A 117 -19.65 -23.99 7.91
N PRO A 118 -18.77 -24.97 7.74
CA PRO A 118 -19.17 -26.37 7.93
C PRO A 118 -19.64 -26.64 9.35
N LYS A 119 -20.42 -27.73 9.49
CA LYS A 119 -21.00 -28.09 10.77
C LYS A 119 -19.95 -28.22 11.88
N GLU A 120 -18.73 -28.66 11.54
CA GLU A 120 -17.70 -28.85 12.55
C GLU A 120 -17.24 -27.52 13.13
N LEU A 121 -17.10 -26.49 12.30
CA LEU A 121 -16.70 -25.18 12.78
C LEU A 121 -17.86 -24.51 13.53
N LYS A 122 -17.50 -23.61 14.44
CA LYS A 122 -18.48 -22.94 15.28
C LYS A 122 -18.87 -21.56 14.75
N CYS A 123 -18.37 -21.16 13.57
CA CYS A 123 -18.75 -19.89 12.97
C CYS A 123 -20.05 -20.06 12.17
N ASP A 124 -20.48 -18.99 11.50
CA ASP A 124 -21.62 -19.05 10.60
C ASP A 124 -21.23 -18.94 9.13
N VAL A 125 -20.41 -17.95 8.77
CA VAL A 125 -20.09 -17.66 7.38
C VAL A 125 -18.59 -17.47 7.25
N GLU A 126 -18.02 -18.04 6.20
CA GLU A 126 -16.61 -17.85 5.87
C GLU A 126 -16.50 -16.94 4.67
N VAL A 127 -15.70 -15.89 4.79
CA VAL A 127 -15.37 -14.98 3.70
C VAL A 127 -13.86 -15.03 3.52
N SER A 128 -13.42 -15.45 2.34
CA SER A 128 -12.00 -15.49 2.01
C SER A 128 -11.73 -14.64 0.77
N SER A 129 -10.60 -13.96 0.74
CA SER A 129 -10.25 -13.10 -0.37
C SER A 129 -8.99 -13.60 -1.06
N TYR A 130 -8.92 -13.35 -2.36
CA TYR A 130 -7.84 -13.82 -3.21
C TYR A 130 -7.41 -12.73 -4.17
N ALA A 131 -6.13 -12.69 -4.51
CA ALA A 131 -5.69 -11.86 -5.62
C ALA A 131 -6.10 -12.49 -6.95
N ILE A 132 -5.99 -11.71 -8.01
CA ILE A 132 -6.37 -12.11 -9.36
C ILE A 132 -5.12 -12.32 -10.23
N ARG A 133 -5.16 -13.34 -11.10
CA ARG A 133 -3.98 -13.72 -11.91
C ARG A 133 -3.50 -12.57 -12.79
N ASP A 134 -4.38 -12.03 -13.63
CA ASP A 134 -4.09 -10.87 -14.47
C ASP A 134 -5.24 -9.90 -14.27
N ALA A 135 -5.06 -8.97 -13.33
CA ALA A 135 -6.15 -8.12 -12.88
C ALA A 135 -6.64 -7.19 -13.98
N GLU A 136 -5.78 -6.85 -14.96
CA GLU A 136 -6.21 -5.94 -16.01
C GLU A 136 -7.43 -6.48 -16.75
N GLU A 137 -7.54 -7.80 -16.90
CA GLU A 137 -8.70 -8.35 -17.58
C GLU A 137 -9.99 -8.15 -16.80
N TYR A 138 -9.90 -7.83 -15.51
CA TYR A 138 -11.07 -7.73 -14.64
C TYR A 138 -11.43 -6.29 -14.32
N LYS A 139 -10.66 -5.32 -14.80
CA LYS A 139 -10.95 -3.92 -14.56
C LYS A 139 -12.35 -3.55 -15.01
N ASN A 140 -13.15 -3.05 -14.07
CA ASN A 140 -14.53 -2.60 -14.34
C ASN A 140 -15.40 -3.76 -14.83
N PHE A 141 -15.08 -4.96 -14.37
CA PHE A 141 -15.82 -6.19 -14.59
C PHE A 141 -17.33 -6.00 -14.48
N CYS A 142 -17.76 -5.30 -13.42
CA CYS A 142 -19.19 -5.21 -13.14
C CYS A 142 -19.93 -4.25 -14.07
N ASP A 143 -19.21 -3.50 -14.91
CA ASP A 143 -19.82 -2.64 -15.91
C ASP A 143 -19.65 -3.18 -17.33
N ARG A 144 -19.18 -4.40 -17.48
CA ARG A 144 -18.97 -4.92 -18.81
C ARG A 144 -19.93 -6.09 -19.07
N PRO A 145 -20.36 -6.29 -20.32
CA PRO A 145 -21.25 -7.41 -20.62
C PRO A 145 -20.55 -8.74 -20.41
N LYS A 146 -21.36 -9.78 -20.20
CA LYS A 146 -20.79 -11.07 -19.83
C LYS A 146 -19.89 -11.65 -20.93
N ASP A 147 -20.19 -11.38 -22.20
CA ASP A 147 -19.37 -11.94 -23.28
C ASP A 147 -18.05 -11.21 -23.46
N GLN A 148 -17.89 -10.02 -22.87
CA GLN A 148 -16.67 -9.24 -23.00
C GLN A 148 -15.87 -9.19 -21.70
N ARG A 149 -16.06 -10.16 -20.82
CA ARG A 149 -15.35 -10.22 -19.56
C ARG A 149 -15.15 -11.68 -19.22
N PRO A 150 -14.27 -11.99 -18.26
CA PRO A 150 -14.02 -13.40 -17.93
C PRO A 150 -15.29 -14.17 -17.61
N LEU A 151 -15.39 -15.37 -18.16
CA LEU A 151 -16.52 -16.24 -17.88
C LEU A 151 -16.32 -16.94 -16.55
N PRO A 152 -17.39 -17.49 -15.96
CA PRO A 152 -17.23 -18.18 -14.67
C PRO A 152 -16.18 -19.27 -14.67
N GLU A 153 -16.04 -20.04 -15.76
CA GLU A 153 -14.99 -21.05 -15.82
C GLU A 153 -13.62 -20.41 -15.79
N GLU A 154 -13.46 -19.31 -16.52
CA GLU A 154 -12.18 -18.60 -16.51
C GLU A 154 -11.89 -18.03 -15.12
N VAL A 155 -12.91 -17.53 -14.44
CA VAL A 155 -12.73 -16.94 -13.11
C VAL A 155 -12.14 -17.95 -12.14
N ILE A 156 -12.64 -19.19 -12.18
CA ILE A 156 -12.18 -20.21 -11.25
C ILE A 156 -10.67 -20.41 -11.37
N GLY A 157 -10.16 -20.38 -12.60
CA GLY A 157 -8.75 -20.54 -12.86
C GLY A 157 -7.95 -19.26 -12.81
N ASP A 158 -8.61 -18.12 -12.61
CA ASP A 158 -7.93 -16.84 -12.44
C ASP A 158 -7.77 -16.48 -10.97
N ILE A 159 -8.20 -17.35 -10.06
CA ILE A 159 -8.03 -17.14 -8.63
C ILE A 159 -6.56 -17.28 -8.27
N GLY A 160 -6.00 -16.25 -7.67
CA GLY A 160 -4.59 -16.19 -7.32
C GLY A 160 -4.34 -16.55 -5.87
N GLU A 161 -3.36 -15.89 -5.27
CA GLU A 161 -2.93 -16.24 -3.92
C GLU A 161 -4.04 -15.98 -2.91
N HIS A 162 -4.20 -16.90 -1.97
CA HIS A 162 -5.11 -16.66 -0.84
C HIS A 162 -4.55 -15.55 0.04
N LEU A 163 -5.38 -14.54 0.34
CA LEU A 163 -4.92 -13.41 1.14
C LEU A 163 -5.48 -13.43 2.55
N THR A 164 -6.78 -13.68 2.71
CA THR A 164 -7.43 -13.61 4.01
C THR A 164 -8.52 -14.68 4.09
N THR A 165 -8.76 -15.15 5.30
CA THR A 165 -9.99 -15.88 5.62
C THR A 165 -10.57 -15.29 6.88
N ILE A 166 -11.85 -14.93 6.83
CA ILE A 166 -12.57 -14.43 7.98
C ILE A 166 -13.74 -15.36 8.25
N HIS A 167 -13.86 -15.79 9.50
CA HIS A 167 -15.04 -16.51 9.94
C HIS A 167 -15.97 -15.53 10.66
N LEU A 168 -17.14 -15.29 10.08
CA LEU A 168 -18.11 -14.35 10.63
C LEU A 168 -19.09 -15.08 11.54
N ASN A 169 -19.46 -14.41 12.63
CA ASN A 169 -20.53 -14.86 13.49
C ASN A 169 -21.71 -13.91 13.37
N CYS A 170 -22.92 -14.47 13.40
CA CYS A 170 -24.13 -13.70 13.57
C CYS A 170 -24.07 -12.94 14.88
N CYS A 171 -24.33 -11.64 14.82
CA CYS A 171 -24.26 -10.84 16.03
C CYS A 171 -25.47 -11.05 16.93
N ASP A 172 -25.30 -10.75 18.21
CA ASP A 172 -26.39 -10.83 19.16
C ASP A 172 -27.43 -9.75 18.89
N ARG A 173 -28.64 -9.96 19.41
CA ARG A 173 -29.67 -8.94 19.30
C ARG A 173 -29.20 -7.66 20.00
N GLY A 174 -29.60 -6.52 19.45
CA GLY A 174 -29.23 -5.23 20.00
C GLY A 174 -27.84 -4.76 19.64
N LYS A 175 -26.99 -5.63 19.10
CA LYS A 175 -25.71 -5.19 18.57
C LYS A 175 -25.94 -4.38 17.29
N ARG A 176 -25.01 -3.46 17.00
CA ARG A 176 -25.18 -2.63 15.82
C ARG A 176 -24.98 -3.44 14.54
N CYS A 177 -24.18 -4.50 14.58
CA CYS A 177 -23.85 -5.24 13.37
C CYS A 177 -24.78 -6.41 13.19
N LEU A 178 -24.84 -6.92 11.95
CA LEU A 178 -25.49 -8.20 11.70
C LEU A 178 -24.51 -9.36 11.81
N TYR A 179 -23.31 -9.20 11.27
CA TYR A 179 -22.27 -10.22 11.30
C TYR A 179 -20.94 -9.51 11.53
N GLU A 180 -20.02 -10.17 12.21
CA GLU A 180 -18.70 -9.60 12.45
C GLU A 180 -17.66 -10.71 12.57
N GLY A 181 -16.44 -10.38 12.18
CA GLY A 181 -15.36 -11.36 12.26
C GLY A 181 -14.05 -10.72 11.84
N SER A 182 -12.96 -11.38 12.21
CA SER A 182 -11.62 -10.94 11.89
C SER A 182 -10.80 -12.12 11.44
N THR A 183 -9.72 -11.85 10.71
CA THR A 183 -8.78 -12.91 10.40
C THR A 183 -8.28 -13.55 11.68
N SER A 184 -7.93 -14.82 11.60
CA SER A 184 -7.66 -15.56 12.82
C SER A 184 -6.37 -15.05 13.45
N PRO A 185 -6.33 -14.90 14.78
CA PRO A 185 -5.08 -14.51 15.44
C PRO A 185 -4.05 -15.61 15.46
N GLY A 186 -4.43 -16.84 15.14
CA GLY A 186 -3.50 -17.96 15.18
C GLY A 186 -3.69 -18.88 13.99
N GLY A 187 -2.59 -19.50 13.59
CA GLY A 187 -2.59 -20.47 12.52
C GLY A 187 -1.87 -21.73 12.94
N PHE A 188 -1.62 -22.63 12.00
CA PHE A 188 -0.97 -23.89 12.33
C PHE A 188 0.47 -23.65 12.75
N PRO A 189 1.06 -24.58 13.50
CA PRO A 189 2.47 -24.42 13.88
C PRO A 189 3.37 -24.39 12.65
N ASN A 190 4.40 -23.55 12.71
CA ASN A 190 5.38 -23.42 11.62
C ASN A 190 4.71 -23.04 10.31
N SER A 191 3.83 -22.04 10.37
CA SER A 191 3.06 -21.60 9.21
C SER A 191 3.51 -20.26 8.65
N TRP A 192 3.80 -19.29 9.51
CA TRP A 192 4.28 -17.99 9.04
C TRP A 192 5.61 -18.13 8.33
N ASN A 193 5.71 -17.54 7.14
CA ASN A 193 6.95 -17.55 6.36
C ASN A 193 7.85 -16.37 6.67
N GLY A 194 7.58 -15.63 7.75
CA GLY A 194 8.43 -14.54 8.15
C GLY A 194 8.40 -13.30 7.30
N ALA A 195 7.53 -13.24 6.29
CA ALA A 195 7.47 -12.10 5.39
C ALA A 195 6.27 -11.22 5.74
N SER A 196 5.97 -10.26 4.86
CA SER A 196 4.82 -9.39 5.07
C SER A 196 3.56 -10.23 5.17
N TYR A 197 2.64 -9.80 6.03
CA TYR A 197 1.37 -10.47 6.22
C TYR A 197 0.28 -9.41 6.24
N CYS A 198 -0.97 -9.84 6.18
CA CYS A 198 -2.07 -8.90 6.27
C CYS A 198 -3.13 -9.44 7.20
N THR A 199 -3.91 -8.50 7.77
CA THR A 199 -5.04 -8.80 8.64
C THR A 199 -6.27 -8.14 8.06
N SER A 200 -7.45 -8.67 8.40
CA SER A 200 -8.69 -8.09 7.91
C SER A 200 -9.77 -8.24 8.98
N ASP A 201 -10.54 -7.16 9.17
CA ASP A 201 -11.74 -7.17 9.97
C ASP A 201 -12.91 -6.82 9.06
N LEU A 202 -14.02 -7.54 9.22
CA LEU A 202 -15.18 -7.34 8.38
C LEU A 202 -16.41 -7.29 9.26
N ALA A 203 -17.23 -6.28 9.06
CA ALA A 203 -18.55 -6.27 9.67
C ALA A 203 -19.59 -5.99 8.60
N VAL A 204 -20.74 -6.67 8.72
CA VAL A 204 -21.87 -6.47 7.82
C VAL A 204 -23.00 -5.89 8.64
N LEU A 205 -23.53 -4.76 8.20
CA LEU A 205 -24.57 -4.06 8.92
C LEU A 205 -25.84 -4.04 8.08
N LYS A 206 -26.92 -3.56 8.69
CA LYS A 206 -28.20 -3.46 8.00
C LYS A 206 -28.08 -2.62 6.73
N ASN A 207 -28.98 -2.86 5.78
CA ASN A 207 -29.07 -2.03 4.57
C ASN A 207 -27.78 -2.07 3.75
N ASN A 208 -27.13 -3.24 3.72
CA ASN A 208 -25.98 -3.50 2.84
C ASN A 208 -24.81 -2.56 3.11
N GLU A 209 -24.62 -2.18 4.38
CA GLU A 209 -23.43 -1.43 4.79
C GLU A 209 -22.34 -2.41 5.22
N ILE A 210 -21.11 -2.17 4.78
CA ILE A 210 -19.99 -3.08 5.00
C ILE A 210 -18.87 -2.27 5.65
N HIS A 211 -18.31 -2.78 6.74
CA HIS A 211 -17.15 -2.15 7.36
C HIS A 211 -15.96 -3.06 7.13
N LEU A 212 -14.92 -2.55 6.47
CA LEU A 212 -13.81 -3.41 6.06
C LEU A 212 -12.51 -2.74 6.45
N TRP A 213 -11.70 -3.42 7.24
CA TRP A 213 -10.39 -2.91 7.65
C TRP A 213 -9.31 -3.85 7.14
N ASP A 214 -8.62 -3.48 6.05
CA ASP A 214 -7.53 -4.29 5.51
C ASP A 214 -6.21 -3.61 5.86
N ARG A 215 -5.31 -4.34 6.52
CA ARG A 215 -4.03 -3.79 6.94
C ARG A 215 -2.91 -4.75 6.57
N GLY A 216 -1.76 -4.19 6.22
CA GLY A 216 -0.59 -4.98 5.90
C GLY A 216 0.55 -4.61 6.84
N PHE A 217 1.34 -5.62 7.20
CA PHE A 217 2.44 -5.44 8.13
C PHE A 217 3.71 -6.03 7.54
N ASP A 218 4.86 -5.52 7.97
CA ASP A 218 6.12 -6.07 7.48
C ASP A 218 6.61 -7.16 8.43
N GLU A 219 7.81 -7.68 8.16
CA GLU A 219 8.35 -8.80 8.92
C GLU A 219 8.59 -8.47 10.39
N ASN A 220 8.61 -7.19 10.77
CA ASN A 220 8.79 -6.80 12.16
C ASN A 220 7.52 -6.23 12.76
N ARG A 221 6.38 -6.48 12.11
CA ARG A 221 5.06 -6.08 12.58
C ARG A 221 4.84 -4.57 12.55
N ASN A 222 5.58 -3.83 11.71
CA ASN A 222 5.23 -2.45 11.43
C ASN A 222 4.14 -2.41 10.36
N GLN A 223 3.17 -1.52 10.53
CA GLN A 223 2.14 -1.39 9.53
C GLN A 223 2.72 -0.70 8.31
N VAL A 224 2.48 -1.26 7.13
CA VAL A 224 3.03 -0.72 5.90
C VAL A 224 1.97 -0.27 4.92
N TRP A 225 0.73 -0.74 5.02
CA TRP A 225 -0.34 -0.20 4.19
C TRP A 225 -1.68 -0.39 4.90
N GLY A 226 -2.69 0.32 4.40
CA GLY A 226 -4.02 0.25 4.94
C GLY A 226 -4.27 1.37 5.93
N PRO A 227 -5.54 1.65 6.23
CA PRO A 227 -5.84 2.73 7.17
C PRO A 227 -5.35 2.39 8.57
N LYS A 228 -4.91 3.43 9.28
CA LYS A 228 -4.42 3.22 10.64
C LYS A 228 -5.52 3.26 11.68
N GLU A 229 -6.60 4.00 11.45
CA GLU A 229 -7.50 4.34 12.54
C GLU A 229 -8.59 3.30 12.76
N GLY A 230 -9.03 2.62 11.71
CA GLY A 230 -10.17 1.75 11.80
C GLY A 230 -10.71 1.41 10.43
N PRO A 231 -11.81 0.67 10.39
CA PRO A 231 -12.32 0.20 9.11
C PRO A 231 -12.93 1.32 8.27
N TYR A 232 -12.85 1.12 6.96
CA TYR A 232 -13.65 1.92 6.05
C TYR A 232 -15.10 1.49 6.10
N GLU A 233 -16.00 2.46 6.03
CA GLU A 233 -17.45 2.22 6.18
C GLU A 233 -18.09 2.47 4.82
N PHE A 234 -18.38 1.38 4.10
CA PHE A 234 -18.98 1.45 2.77
C PHE A 234 -20.50 1.40 2.85
N LYS A 235 -21.16 2.41 2.29
CA LYS A 235 -22.63 2.42 2.26
C LYS A 235 -23.11 2.54 0.82
N PRO A 236 -24.28 1.98 0.52
CA PRO A 236 -24.78 1.98 -0.87
C PRO A 236 -24.95 3.38 -1.43
N ALA A 237 -24.79 3.48 -2.74
CA ALA A 237 -24.87 4.75 -3.45
C ALA A 237 -26.28 5.33 -3.40
N SER B 42 35.30 19.12 -13.16
CA SER B 42 36.05 18.67 -12.00
C SER B 42 35.16 18.43 -10.77
N THR B 43 34.00 17.78 -10.99
CA THR B 43 33.14 17.32 -9.90
C THR B 43 33.33 15.83 -9.69
N THR B 44 33.63 15.44 -8.45
CA THR B 44 33.80 14.03 -8.14
C THR B 44 32.46 13.41 -7.81
N ARG B 45 32.42 12.07 -7.87
CA ARG B 45 31.21 11.37 -7.47
C ARG B 45 30.86 11.66 -6.02
N ARG B 46 31.86 11.92 -5.18
CA ARG B 46 31.59 12.28 -3.80
C ARG B 46 30.87 13.62 -3.71
N ASP B 47 31.30 14.59 -4.53
CA ASP B 47 30.60 15.88 -4.54
C ASP B 47 29.18 15.73 -5.06
N HIS B 48 28.96 14.91 -6.08
CA HIS B 48 27.61 14.70 -6.58
C HIS B 48 26.72 14.12 -5.49
N ALA B 49 27.24 13.16 -4.72
CA ALA B 49 26.44 12.55 -3.65
C ALA B 49 26.04 13.57 -2.60
N ARG B 50 26.91 14.54 -2.32
CA ARG B 50 26.56 15.58 -1.37
C ARG B 50 25.43 16.47 -1.91
N VAL B 51 25.42 16.73 -3.22
CA VAL B 51 24.35 17.53 -3.80
C VAL B 51 23.02 16.79 -3.65
N VAL B 52 23.02 15.49 -3.93
CA VAL B 52 21.80 14.69 -3.82
C VAL B 52 21.33 14.61 -2.36
N SER B 53 22.26 14.34 -1.43
CA SER B 53 21.86 14.26 -0.03
C SER B 53 21.24 15.56 0.45
N ARG B 54 21.84 16.70 0.08
CA ARG B 54 21.32 17.99 0.52
C ARG B 54 19.92 18.24 -0.04
N SER B 55 19.69 17.83 -1.29
CA SER B 55 18.40 18.10 -1.91
C SER B 55 17.33 17.22 -1.28
N LEU B 56 17.71 16.06 -0.75
CA LEU B 56 16.73 15.15 -0.14
C LEU B 56 16.35 15.56 1.28
N THR B 57 17.20 16.30 1.98
CA THR B 57 16.86 16.66 3.36
C THR B 57 15.90 17.84 3.38
N GLY B 58 15.19 17.95 4.50
CA GLY B 58 14.29 19.07 4.73
C GLY B 58 12.84 18.64 4.73
N GLU B 59 11.97 19.64 4.83
CA GLU B 59 10.52 19.44 4.81
C GLU B 59 10.01 19.79 3.42
N LYS B 60 9.23 18.89 2.82
CA LYS B 60 8.71 19.06 1.48
C LYS B 60 7.25 18.61 1.44
N PHE B 61 6.52 19.12 0.46
CA PHE B 61 5.12 18.81 0.25
C PHE B 61 4.84 18.63 -1.23
N THR B 62 3.87 17.79 -1.55
CA THR B 62 3.33 17.70 -2.90
C THR B 62 2.09 18.56 -3.09
N ARG B 63 1.91 19.55 -2.22
CA ARG B 63 0.72 20.39 -2.22
C ARG B 63 0.38 20.96 -3.60
N GLU B 64 1.38 21.50 -4.30
CA GLU B 64 1.12 22.14 -5.58
C GLU B 64 0.63 21.12 -6.61
N GLN B 65 1.27 19.94 -6.65
CA GLN B 65 0.81 18.92 -7.57
C GLN B 65 -0.60 18.45 -7.25
N ALA B 66 -0.90 18.29 -5.96
CA ALA B 66 -2.21 17.78 -5.54
C ALA B 66 -3.33 18.79 -5.83
N SER B 67 -3.03 20.09 -5.70
CA SER B 67 -4.02 21.09 -6.04
C SER B 67 -4.29 21.12 -7.54
N ARG B 68 -3.25 20.87 -8.35
CA ARG B 68 -3.36 20.90 -9.79
C ARG B 68 -4.09 19.66 -10.31
N ASP B 69 -3.87 18.50 -9.69
CA ASP B 69 -4.40 17.23 -10.18
C ASP B 69 -4.94 16.40 -9.03
N PRO B 70 -6.01 16.86 -8.36
CA PRO B 70 -6.55 16.11 -7.20
C PRO B 70 -7.24 14.80 -7.55
N ASP B 71 -7.54 14.55 -8.83
CA ASP B 71 -7.99 13.22 -9.22
C ASP B 71 -6.94 12.17 -8.91
N ASN B 72 -5.67 12.52 -9.07
CA ASN B 72 -4.59 11.53 -9.11
C ASN B 72 -3.50 11.69 -8.05
N TYR B 73 -3.45 12.82 -7.33
CA TYR B 73 -2.38 13.00 -6.35
C TYR B 73 -2.90 13.64 -5.08
N PHE B 74 -2.37 13.18 -3.95
CA PHE B 74 -2.70 13.74 -2.65
C PHE B 74 -1.57 14.66 -2.20
N ASN B 75 -1.86 15.48 -1.20
CA ASN B 75 -0.85 16.37 -0.62
C ASN B 75 -0.13 15.56 0.46
N ILE B 76 1.12 15.24 0.22
CA ILE B 76 1.93 14.40 1.13
C ILE B 76 3.07 15.24 1.69
N ARG B 77 3.31 15.13 2.97
CA ARG B 77 4.44 15.83 3.62
C ARG B 77 5.62 14.86 3.72
N MSE B 78 6.77 15.30 3.25
CA MSE B 78 8.01 14.51 3.34
C MSE B 78 8.92 15.25 4.33
O MSE B 78 9.04 16.44 4.20
CB MSE B 78 8.71 14.42 1.99
CG MSE B 78 10.13 13.98 2.12
SE MSE B 78 11.04 13.96 0.41
CE MSE B 78 10.29 12.48 -0.59
N LEU B 79 9.43 14.53 5.31
CA LEU B 79 10.36 15.13 6.29
C LEU B 79 11.60 14.25 6.34
N SER B 80 12.75 14.86 6.11
CA SER B 80 14.00 14.09 6.03
C SER B 80 15.13 14.82 6.75
N CYS B 81 16.04 14.08 7.34
CA CYS B 81 17.20 14.74 7.96
C CYS B 81 18.35 13.75 8.08
N PRO B 82 19.59 14.22 8.07
CA PRO B 82 20.73 13.31 8.25
C PRO B 82 20.60 12.55 9.56
N ALA B 83 20.92 11.26 9.50
CA ALA B 83 20.92 10.42 10.69
C ALA B 83 22.27 9.80 10.98
N ALA B 84 23.17 9.71 10.00
CA ALA B 84 24.48 9.11 10.21
C ALA B 84 25.35 9.42 9.01
N GLU B 85 26.66 9.39 9.23
CA GLU B 85 27.66 9.51 8.15
C GLU B 85 28.51 8.25 8.22
N MSE B 86 28.74 7.59 7.10
CA MSE B 86 29.45 6.28 7.10
C MSE B 86 30.94 6.42 6.86
O MSE B 86 31.34 7.43 6.30
CB MSE B 86 28.92 5.41 5.96
CG MSE B 86 27.45 5.17 5.99
SE MSE B 86 27.00 4.25 7.60
CE MSE B 86 27.54 2.43 7.21
N VAL B 87 31.72 5.41 7.28
CA VAL B 87 33.19 5.31 7.04
C VAL B 87 33.42 5.20 5.53
N ASP B 88 32.53 4.48 4.84
CA ASP B 88 32.55 4.34 3.36
C ASP B 88 32.41 5.73 2.75
N GLY B 89 31.54 6.54 3.31
CA GLY B 89 31.32 7.89 2.79
C GLY B 89 29.84 8.12 2.60
N SER B 90 29.05 7.05 2.72
CA SER B 90 27.59 7.16 2.56
C SER B 90 27.02 8.12 3.61
N GLU B 91 26.12 8.98 3.18
CA GLU B 91 25.31 9.74 4.16
C GLU B 91 24.06 8.89 4.36
N VAL B 92 23.61 8.72 5.59
CA VAL B 92 22.38 8.00 5.89
C VAL B 92 21.33 9.03 6.30
N LEU B 93 20.23 9.08 5.56
CA LEU B 93 19.15 10.01 5.83
C LEU B 93 17.96 9.26 6.38
N TYR B 94 17.27 9.86 7.35
CA TYR B 94 15.97 9.36 7.78
C TYR B 94 14.92 10.12 6.99
N LEU B 95 13.92 9.41 6.48
CA LEU B 95 12.95 10.02 5.59
C LEU B 95 11.58 9.42 5.87
N GLU B 96 10.63 10.27 6.21
CA GLU B 96 9.27 9.79 6.41
C GLU B 96 8.30 10.58 5.54
N GLN B 97 7.17 9.95 5.25
CA GLN B 97 6.11 10.57 4.46
C GLN B 97 4.81 10.44 5.23
N ALA B 98 3.99 11.50 5.17
CA ALA B 98 2.72 11.49 5.88
C ALA B 98 1.69 12.23 5.05
N PHE B 99 0.43 11.83 5.22
CA PHE B 99 -0.66 12.63 4.68
C PHE B 99 -0.65 13.98 5.37
N TRP B 100 -0.92 15.05 4.60
CA TRP B 100 -0.74 16.39 5.14
C TRP B 100 -1.63 16.66 6.36
N ARG B 101 -2.79 15.99 6.44
CA ARG B 101 -3.70 16.21 7.56
C ARG B 101 -3.27 15.45 8.82
N THR B 102 -2.38 14.47 8.70
CA THR B 102 -1.90 13.69 9.86
C THR B 102 -0.37 13.64 9.84
N PRO B 103 0.29 14.78 9.92
CA PRO B 103 1.76 14.79 9.84
C PRO B 103 2.42 14.01 10.96
N GLN B 104 1.72 13.80 12.06
CA GLN B 104 2.24 13.07 13.19
C GLN B 104 2.13 11.56 13.03
N LYS B 105 1.47 11.07 11.99
CA LYS B 105 1.23 9.64 11.80
C LYS B 105 1.72 9.23 10.42
N PRO B 106 3.04 9.22 10.21
CA PRO B 106 3.57 8.88 8.89
C PRO B 106 3.18 7.49 8.47
N PHE B 107 2.92 7.32 7.18
CA PHE B 107 2.57 6.03 6.61
C PHE B 107 3.78 5.29 6.07
N ARG B 108 4.93 5.96 5.97
CA ARG B 108 6.12 5.29 5.47
C ARG B 108 7.34 5.92 6.15
N GLN B 109 8.24 5.07 6.66
CA GLN B 109 9.44 5.57 7.31
C GLN B 109 10.61 4.73 6.82
N ARG B 110 11.64 5.38 6.28
CA ARG B 110 12.74 4.65 5.66
C ARG B 110 14.06 5.28 6.05
N LEU B 111 15.13 4.51 5.86
CA LEU B 111 16.48 5.05 5.85
C LEU B 111 17.02 5.01 4.42
N TYR B 112 17.65 6.09 4.02
CA TYR B 112 18.22 6.17 2.65
C TYR B 112 19.73 6.35 2.77
N MSE B 113 20.49 5.51 2.10
CA MSE B 113 21.95 5.64 2.08
C MSE B 113 22.32 6.27 0.75
O MSE B 113 21.89 5.78 -0.25
CB MSE B 113 22.63 4.27 2.23
CG MSE B 113 22.73 3.77 3.66
SE MSE B 113 23.79 2.12 3.65
CE MSE B 113 24.81 2.30 2.01
N VAL B 114 23.03 7.39 0.78
CA VAL B 114 23.41 8.10 -0.45
C VAL B 114 24.93 8.05 -0.54
N LYS B 115 25.46 7.41 -1.56
CA LYS B 115 26.93 7.36 -1.64
C LYS B 115 27.38 7.50 -3.09
N PRO B 116 28.62 7.91 -3.33
CA PRO B 116 29.12 7.91 -4.70
C PRO B 116 29.09 6.50 -5.24
N CYS B 117 28.84 6.38 -6.54
CA CYS B 117 28.85 5.06 -7.14
C CYS B 117 30.25 4.47 -7.04
N PRO B 118 30.37 3.15 -6.85
CA PRO B 118 31.68 2.52 -6.87
C PRO B 118 32.31 2.63 -8.25
N LYS B 119 33.65 2.54 -8.28
CA LYS B 119 34.38 2.75 -9.52
C LYS B 119 34.00 1.74 -10.59
N GLU B 120 33.63 0.52 -10.19
CA GLU B 120 33.34 -0.52 -11.18
C GLU B 120 32.06 -0.25 -11.95
N LEU B 121 31.17 0.58 -11.42
CA LEU B 121 29.93 0.94 -12.10
C LEU B 121 30.08 2.32 -12.73
N LYS B 122 29.39 2.53 -13.85
CA LYS B 122 29.40 3.82 -14.52
C LYS B 122 28.12 4.58 -14.19
N CYS B 123 28.07 5.08 -12.96
CA CYS B 123 27.03 6.03 -12.57
C CYS B 123 27.63 6.99 -11.56
N ASP B 124 26.87 8.01 -11.20
CA ASP B 124 27.41 9.04 -10.32
C ASP B 124 27.10 8.77 -8.85
N VAL B 125 25.82 8.57 -8.52
CA VAL B 125 25.40 8.48 -7.13
C VAL B 125 24.53 7.24 -6.96
N GLU B 126 24.72 6.55 -5.84
CA GLU B 126 23.89 5.40 -5.49
C GLU B 126 22.99 5.79 -4.33
N VAL B 127 21.69 5.56 -4.48
CA VAL B 127 20.73 5.82 -3.42
C VAL B 127 20.05 4.50 -3.12
N SER B 128 20.20 4.02 -1.89
CA SER B 128 19.56 2.78 -1.49
C SER B 128 18.62 3.07 -0.33
N SER B 129 17.48 2.37 -0.30
CA SER B 129 16.49 2.55 0.74
C SER B 129 16.39 1.28 1.58
N TYR B 130 16.20 1.46 2.88
CA TYR B 130 16.11 0.36 3.83
C TYR B 130 14.91 0.55 4.73
N ALA B 131 14.30 -0.57 5.12
CA ALA B 131 13.26 -0.50 6.13
C ALA B 131 13.88 -0.25 7.50
N ILE B 132 13.04 0.19 8.43
CA ILE B 132 13.43 0.36 9.82
C ILE B 132 12.83 -0.77 10.64
N ARG B 133 13.62 -1.31 11.57
CA ARG B 133 13.19 -2.46 12.35
C ARG B 133 11.99 -2.10 13.23
N ASP B 134 12.16 -1.10 14.09
CA ASP B 134 11.08 -0.61 14.94
C ASP B 134 10.80 0.83 14.55
N ALA B 135 9.79 1.01 13.70
CA ALA B 135 9.47 2.35 13.20
C ALA B 135 8.99 3.26 14.32
N GLU B 136 8.39 2.69 15.38
CA GLU B 136 7.85 3.51 16.46
C GLU B 136 8.94 4.30 17.17
N GLU B 137 10.13 3.71 17.33
CA GLU B 137 11.22 4.43 17.99
C GLU B 137 11.69 5.63 17.17
N TYR B 138 11.34 5.68 15.90
CA TYR B 138 11.82 6.71 15.00
C TYR B 138 10.79 7.77 14.69
N LYS B 139 9.58 7.68 15.24
CA LYS B 139 8.54 8.61 14.81
C LYS B 139 8.93 10.05 15.11
N ASN B 140 8.77 10.90 14.09
CA ASN B 140 9.20 12.30 14.09
C ASN B 140 10.63 12.44 14.59
N PHE B 141 11.50 11.60 14.00
CA PHE B 141 12.93 11.61 14.31
C PHE B 141 13.56 12.97 14.05
N CYS B 142 13.10 13.67 13.02
CA CYS B 142 13.76 14.91 12.62
C CYS B 142 13.45 16.07 13.55
N ASP B 143 12.40 15.97 14.36
CA ASP B 143 12.07 17.02 15.31
C ASP B 143 12.75 16.83 16.66
N ARG B 144 13.27 15.62 16.95
CA ARG B 144 13.88 15.28 18.22
C ARG B 144 15.39 15.54 18.18
N PRO B 145 16.00 15.83 19.33
CA PRO B 145 17.43 16.17 19.34
C PRO B 145 18.33 14.95 19.24
N LYS B 146 19.49 15.17 18.62
CA LYS B 146 20.36 14.07 18.19
C LYS B 146 20.75 13.12 19.33
N ASP B 147 20.77 13.63 20.56
CA ASP B 147 21.10 12.79 21.70
C ASP B 147 19.87 12.19 22.38
N GLN B 148 18.67 12.67 22.05
CA GLN B 148 17.44 12.11 22.57
C GLN B 148 16.73 11.23 21.54
N ARG B 149 17.43 10.85 20.48
CA ARG B 149 16.92 9.98 19.43
C ARG B 149 17.97 8.92 19.14
N PRO B 150 17.62 7.83 18.41
CA PRO B 150 18.58 6.79 18.09
C PRO B 150 19.90 7.38 17.58
N LEU B 151 21.02 6.88 18.11
CA LEU B 151 22.37 7.39 17.74
C LEU B 151 22.85 6.76 16.43
N PRO B 152 23.82 7.39 15.73
CA PRO B 152 24.33 6.86 14.45
C PRO B 152 24.70 5.37 14.50
N GLU B 153 25.38 4.94 15.56
CA GLU B 153 25.79 3.51 15.66
C GLU B 153 24.55 2.62 15.69
N GLU B 154 23.51 3.02 16.41
CA GLU B 154 22.26 2.22 16.50
C GLU B 154 21.50 2.31 15.18
N VAL B 155 21.51 3.48 14.54
CA VAL B 155 20.79 3.67 13.25
C VAL B 155 21.28 2.61 12.26
N ILE B 156 22.58 2.60 11.98
CA ILE B 156 23.15 1.61 11.00
C ILE B 156 23.00 0.20 11.56
N GLY B 157 23.17 0.02 12.87
CA GLY B 157 23.08 -1.31 13.44
C GLY B 157 21.70 -1.91 13.34
N ASP B 158 20.66 -1.11 13.64
CA ASP B 158 19.27 -1.54 13.58
C ASP B 158 18.64 -1.33 12.21
N ILE B 159 19.45 -1.25 11.15
CA ILE B 159 18.91 -1.09 9.80
C ILE B 159 18.18 -2.37 9.39
N GLY B 160 17.01 -2.20 8.79
CA GLY B 160 16.18 -3.32 8.36
C GLY B 160 16.53 -3.78 6.97
N GLU B 161 15.55 -4.44 6.33
CA GLU B 161 15.79 -5.09 5.06
C GLU B 161 16.05 -4.06 3.96
N HIS B 162 16.85 -4.48 2.98
CA HIS B 162 17.14 -3.63 1.82
C HIS B 162 15.95 -3.66 0.89
N LEU B 163 15.52 -2.50 0.43
CA LEU B 163 14.31 -2.37 -0.36
C LEU B 163 14.58 -2.04 -1.81
N THR B 164 15.31 -0.97 -2.10
CA THR B 164 15.64 -0.61 -3.48
C THR B 164 17.03 -0.02 -3.53
N THR B 165 17.61 -0.07 -4.71
CA THR B 165 18.81 0.70 -5.02
C THR B 165 18.60 1.38 -6.35
N ILE B 166 18.92 2.67 -6.42
CA ILE B 166 18.84 3.47 -7.64
C ILE B 166 20.22 4.01 -7.95
N HIS B 167 20.62 3.93 -9.19
CA HIS B 167 21.84 4.59 -9.63
C HIS B 167 21.44 5.86 -10.38
N LEU B 168 21.78 7.00 -9.80
CA LEU B 168 21.47 8.28 -10.43
C LEU B 168 22.63 8.73 -11.29
N ASN B 169 22.30 9.30 -12.45
CA ASN B 169 23.27 9.89 -13.32
C ASN B 169 23.05 11.39 -13.37
N CYS B 170 24.14 12.14 -13.45
CA CYS B 170 24.07 13.58 -13.65
C CYS B 170 23.50 13.87 -15.03
N CYS B 171 22.51 14.76 -15.08
CA CYS B 171 21.78 15.00 -16.30
C CYS B 171 22.56 15.96 -17.19
N ASP B 172 22.41 15.80 -18.50
CA ASP B 172 23.06 16.70 -19.44
C ASP B 172 22.52 18.12 -19.28
N ARG B 173 23.27 19.08 -19.82
CA ARG B 173 22.72 20.42 -19.95
C ARG B 173 21.55 20.38 -20.93
N GLY B 174 20.49 21.10 -20.60
CA GLY B 174 19.30 21.07 -21.41
C GLY B 174 18.15 20.28 -20.85
N LYS B 175 18.38 19.56 -19.75
CA LYS B 175 17.34 18.78 -19.09
C LYS B 175 16.88 19.50 -17.83
N ARG B 176 15.61 19.26 -17.44
CA ARG B 176 15.09 19.88 -16.23
C ARG B 176 15.77 19.36 -14.97
N CYS B 177 16.12 18.08 -14.93
CA CYS B 177 16.62 17.47 -13.71
C CYS B 177 18.13 17.64 -13.62
N LEU B 178 18.63 17.71 -12.37
CA LEU B 178 20.05 17.63 -12.08
C LEU B 178 20.55 16.19 -12.09
N TYR B 179 19.78 15.28 -11.46
CA TYR B 179 20.08 13.85 -11.39
C TYR B 179 18.81 13.06 -11.61
N GLU B 180 18.91 11.91 -12.29
CA GLU B 180 17.76 11.04 -12.47
C GLU B 180 18.20 9.59 -12.57
N GLY B 181 17.32 8.69 -12.14
CA GLY B 181 17.62 7.28 -12.22
C GLY B 181 16.42 6.45 -11.83
N SER B 182 16.48 5.17 -12.17
CA SER B 182 15.41 4.25 -11.81
C SER B 182 16.02 2.92 -11.38
N THR B 183 15.26 2.18 -10.57
CA THR B 183 15.66 0.80 -10.30
C THR B 183 15.81 0.05 -11.61
N SER B 184 16.72 -0.91 -11.65
CA SER B 184 16.94 -1.66 -12.87
C SER B 184 15.69 -2.46 -13.22
N PRO B 185 15.54 -2.86 -14.49
CA PRO B 185 14.33 -3.58 -14.89
C PRO B 185 14.10 -4.82 -14.05
N GLY B 186 12.83 -5.07 -13.72
CA GLY B 186 12.48 -6.10 -12.77
C GLY B 186 12.41 -5.64 -11.34
N GLY B 187 12.94 -4.47 -11.00
CA GLY B 187 12.75 -3.94 -9.67
C GLY B 187 13.42 -4.80 -8.61
N PHE B 188 12.83 -4.78 -7.41
CA PHE B 188 13.29 -5.53 -6.24
C PHE B 188 12.10 -6.22 -5.62
N PRO B 189 12.31 -7.32 -4.90
CA PRO B 189 11.17 -8.09 -4.37
C PRO B 189 10.32 -7.25 -3.42
N ASN B 190 9.01 -7.45 -3.50
CA ASN B 190 8.08 -6.81 -2.59
C ASN B 190 6.82 -7.66 -2.55
N SER B 191 6.19 -7.76 -1.37
CA SER B 191 5.03 -8.64 -1.21
C SER B 191 3.80 -7.92 -0.66
N TRP B 192 3.69 -6.61 -0.84
CA TRP B 192 2.52 -5.87 -0.36
C TRP B 192 1.33 -6.09 -1.28
N ASN B 193 0.23 -6.59 -0.71
CA ASN B 193 -1.06 -6.59 -1.40
C ASN B 193 -1.01 -7.40 -2.70
N GLY B 194 -0.33 -8.54 -2.66
CA GLY B 194 -0.22 -9.37 -3.84
C GLY B 194 0.84 -8.93 -4.82
N ALA B 195 1.66 -7.96 -4.46
CA ALA B 195 2.80 -7.62 -5.31
C ALA B 195 3.84 -8.74 -5.29
N SER B 196 4.70 -8.77 -6.33
CA SER B 196 5.92 -9.56 -6.27
C SER B 196 7.19 -8.72 -6.40
N TYR B 197 7.09 -7.49 -6.90
CA TYR B 197 8.27 -6.64 -6.96
C TYR B 197 7.83 -5.20 -6.87
N CYS B 198 8.80 -4.33 -6.61
CA CYS B 198 8.52 -2.91 -6.59
C CYS B 198 9.60 -2.19 -7.38
N THR B 199 9.25 -0.99 -7.84
CA THR B 199 10.17 -0.20 -8.62
C THR B 199 10.27 1.18 -8.01
N SER B 200 11.36 1.90 -8.32
CA SER B 200 11.48 3.24 -7.77
C SER B 200 12.12 4.13 -8.83
N ASP B 201 11.55 5.31 -9.03
CA ASP B 201 12.13 6.33 -9.88
C ASP B 201 12.43 7.55 -9.02
N LEU B 202 13.59 8.16 -9.24
CA LEU B 202 13.98 9.28 -8.41
C LEU B 202 14.62 10.32 -9.31
N ALA B 203 14.18 11.56 -9.18
CA ALA B 203 14.84 12.65 -9.87
C ALA B 203 15.08 13.79 -8.89
N VAL B 204 16.26 14.40 -9.00
CA VAL B 204 16.62 15.55 -8.19
C VAL B 204 16.60 16.76 -9.11
N LEU B 205 15.87 17.79 -8.72
CA LEU B 205 15.77 19.00 -9.50
C LEU B 205 16.43 20.14 -8.73
N LYS B 206 16.59 21.28 -9.39
CA LYS B 206 17.24 22.37 -8.69
C LYS B 206 16.33 22.91 -7.60
N ASN B 207 16.96 23.56 -6.61
CA ASN B 207 16.24 24.17 -5.49
C ASN B 207 15.46 23.12 -4.71
N ASN B 208 16.11 21.96 -4.52
CA ASN B 208 15.68 20.94 -3.57
C ASN B 208 14.29 20.38 -3.87
N GLU B 209 13.93 20.35 -5.16
CA GLU B 209 12.74 19.65 -5.60
C GLU B 209 13.08 18.18 -5.88
N ILE B 210 12.25 17.26 -5.38
CA ILE B 210 12.47 15.83 -5.49
C ILE B 210 11.27 15.19 -6.15
N HIS B 211 11.49 14.37 -7.18
CA HIS B 211 10.44 13.59 -7.80
C HIS B 211 10.67 12.13 -7.44
N LEU B 212 9.68 11.52 -6.82
CA LEU B 212 9.85 10.16 -6.30
C LEU B 212 8.65 9.35 -6.72
N TRP B 213 8.89 8.19 -7.34
CA TRP B 213 7.83 7.30 -7.82
C TRP B 213 8.10 5.89 -7.33
N ASP B 214 7.46 5.52 -6.21
CA ASP B 214 7.56 4.17 -5.67
C ASP B 214 6.27 3.42 -5.97
N ARG B 215 6.41 2.23 -6.55
CA ARG B 215 5.27 1.45 -7.04
C ARG B 215 5.51 -0.02 -6.79
N GLY B 216 4.45 -0.79 -6.52
CA GLY B 216 4.54 -2.23 -6.42
C GLY B 216 3.71 -2.89 -7.51
N PHE B 217 4.19 -4.03 -8.00
CA PHE B 217 3.56 -4.74 -9.10
C PHE B 217 3.43 -6.21 -8.75
N ASP B 218 2.42 -6.85 -9.31
CA ASP B 218 2.27 -8.28 -9.08
C ASP B 218 3.04 -9.08 -10.13
N GLU B 219 3.06 -10.40 -9.93
CA GLU B 219 3.83 -11.30 -10.78
C GLU B 219 3.51 -11.13 -12.26
N ASN B 220 2.33 -10.59 -12.59
CA ASN B 220 1.89 -10.44 -13.97
C ASN B 220 1.99 -8.99 -14.46
N ARG B 221 2.69 -8.13 -13.71
CA ARG B 221 3.02 -6.75 -14.10
C ARG B 221 1.81 -5.81 -14.02
N ASN B 222 0.88 -6.06 -13.10
CA ASN B 222 -0.17 -5.10 -12.77
C ASN B 222 0.22 -4.30 -11.54
N GLN B 223 -0.01 -3.00 -11.57
CA GLN B 223 0.34 -2.20 -10.42
C GLN B 223 -0.61 -2.48 -9.27
N VAL B 224 -0.05 -2.58 -8.07
CA VAL B 224 -0.79 -2.98 -6.88
C VAL B 224 -0.71 -1.96 -5.74
N TRP B 225 0.29 -1.09 -5.72
CA TRP B 225 0.32 0.03 -4.78
C TRP B 225 1.16 1.15 -5.37
N GLY B 226 1.00 2.35 -4.81
CA GLY B 226 1.72 3.52 -5.27
C GLY B 226 0.91 4.33 -6.27
N PRO B 227 1.32 5.57 -6.53
CA PRO B 227 0.56 6.39 -7.49
C PRO B 227 0.65 5.84 -8.90
N LYS B 228 -0.46 5.93 -9.63
CA LYS B 228 -0.54 5.28 -10.94
C LYS B 228 -0.08 6.16 -12.09
N GLU B 229 -0.18 7.48 -11.98
CA GLU B 229 -0.01 8.34 -13.15
C GLU B 229 1.39 8.90 -13.30
N GLY B 230 2.23 8.84 -12.26
CA GLY B 230 3.52 9.47 -12.32
C GLY B 230 4.11 9.73 -10.95
N PRO B 231 5.32 10.28 -10.91
CA PRO B 231 5.97 10.53 -9.62
C PRO B 231 5.26 11.59 -8.79
N TYR B 232 5.43 11.48 -7.49
CA TYR B 232 5.07 12.57 -6.59
C TYR B 232 6.12 13.68 -6.66
N GLU B 233 5.67 14.92 -6.77
CA GLU B 233 6.55 16.07 -6.93
C GLU B 233 6.61 16.81 -5.60
N PHE B 234 7.71 16.61 -4.88
CA PHE B 234 7.93 17.17 -3.55
C PHE B 234 8.71 18.47 -3.68
N LYS B 235 8.14 19.56 -3.19
CA LYS B 235 8.86 20.82 -3.20
C LYS B 235 8.93 21.39 -1.79
N PRO B 236 9.96 22.18 -1.46
CA PRO B 236 10.02 22.79 -0.14
C PRO B 236 8.84 23.73 0.10
N ALA B 237 8.48 23.89 1.37
CA ALA B 237 7.37 24.77 1.71
C ALA B 237 7.76 26.24 1.49
O1 MES C . -6.78 6.76 -2.49
C2 MES C . -7.20 6.46 -1.16
C3 MES C . -6.06 5.75 -0.41
N4 MES C . -5.81 4.54 -1.18
C5 MES C . -5.34 4.70 -2.55
C6 MES C . -6.40 5.58 -3.22
C7 MES C . -5.31 3.40 -0.39
C8 MES C . -6.49 3.09 0.48
S MES C . -6.20 1.98 1.71
O1S MES C . -5.09 1.08 1.38
O2S MES C . -5.95 2.71 3.02
O3S MES C . -7.38 1.13 1.91
O1 MES D . -2.66 9.39 1.75
C2 MES D . -2.12 9.52 0.43
C3 MES D . -0.86 8.71 0.21
N4 MES D . -1.23 7.36 0.63
C5 MES D . -1.49 7.16 2.05
C6 MES D . -1.91 8.52 2.60
C7 MES D . -0.56 6.22 -0.06
C8 MES D . 0.36 6.95 -0.99
S MES D . 1.28 6.04 -2.09
O1S MES D . 1.62 4.64 -1.71
O2S MES D . 0.47 6.20 -3.36
O3S MES D . 2.55 6.77 -2.20
#